data_5CFP
#
_entry.id   5CFP
#
_cell.length_a   81.388
_cell.length_b   81.388
_cell.length_c   100.553
_cell.angle_alpha   90.00
_cell.angle_beta   90.00
_cell.angle_gamma   120.00
#
_symmetry.space_group_name_H-M   'P 31'
#
loop_
_entity.id
_entity.type
_entity.pdbx_description
1 polymer 'Stimulator of Interferon Genes'
2 non-polymer "9,9'-[(2R,3R,3aS,5S,7aR,9R,10R,10aS,12S,14aR)-3,5,10,12-tetrahydroxy-5,12-dioxidooctahydro-2H,7H-difuro[3,2-d:3',2'-j][1,3,7,9,2,8]tetraoxadiphosphacyclododecine-2,9-diyl]bis(2-amino-1,9-dihydro-6H-purin-6-one)"
3 water water
#
_entity_poly.entity_id   1
_entity_poly.type   'polypeptide(L)'
_entity_poly.pdbx_seq_one_letter_code
;GSLSKVEESQLNEKENKNVADGLAWSYYFGYLKFVLPELEKQIEKTSKFRSKEKFVKKMFILIPSNCFWDDKIPGSDYDP
QNRITFEGNTEPLEKTRGGVKLRHYKHSVYEIKDGENEPWFCIMEYATPLLTLYDMSVAQPGELSREERDAQVVVFLRKL
QDILEGDRACQGKYELVTFSPDRDLADVMLRKLKDSELEIGG
;
_entity_poly.pdbx_strand_id   A,B
#
loop_
_chem_comp.id
_chem_comp.type
_chem_comp.name
_chem_comp.formula
C2E non-polymer 9,9'-[(2R,3R,3aS,5S,7aR,9R,10R,10aS,12S,14aR)-3,5,10,12-tetrahydroxy-5,12-dioxidooctahydro-2H,7H-difuro[3,2-d:3',2'-j][1,3,7,9,2,8]tetraoxadiphosphacyclododecine-2,9-diyl]bis(2-amino-1,9-dihydro-6H-purin-6-one) 'C20 H24 N10 O14 P2'
#
# COMPACT_ATOMS: atom_id res chain seq x y z
N LYS A 17 18.53 7.33 9.54
CA LYS A 17 17.47 7.50 8.54
C LYS A 17 17.39 6.37 7.51
N ASN A 18 16.55 5.40 7.85
CA ASN A 18 16.32 4.19 7.09
C ASN A 18 14.95 4.22 6.47
N VAL A 19 14.88 4.25 5.14
CA VAL A 19 13.61 4.23 4.44
C VAL A 19 12.85 2.92 4.78
N ALA A 20 13.58 1.85 5.07
CA ALA A 20 12.99 0.54 5.34
C ALA A 20 12.06 0.59 6.56
N ASP A 21 12.37 1.44 7.54
CA ASP A 21 11.54 1.52 8.75
C ASP A 21 10.10 1.86 8.43
N GLY A 22 9.90 2.90 7.62
CA GLY A 22 8.57 3.29 7.22
C GLY A 22 7.89 2.21 6.41
N LEU A 23 8.66 1.53 5.58
CA LEU A 23 8.13 0.45 4.76
C LEU A 23 7.61 -0.69 5.64
N ALA A 24 8.34 -0.99 6.69
CA ALA A 24 7.94 -2.10 7.58
C ALA A 24 6.70 -1.70 8.39
N TRP A 25 6.66 -0.49 8.94
CA TRP A 25 5.50 -0.10 9.74
C TRP A 25 4.21 -0.05 8.91
N SER A 26 4.27 0.41 7.68
CA SER A 26 3.05 0.48 6.87
C SER A 26 2.61 -0.90 6.37
N TYR A 27 3.58 -1.77 6.08
CA TYR A 27 3.31 -3.15 5.71
C TYR A 27 2.53 -3.82 6.82
N TYR A 28 2.87 -3.47 8.05
CA TYR A 28 2.18 -4.01 9.20
C TYR A 28 0.80 -3.36 9.37
N PHE A 29 0.78 -2.06 9.64
CA PHE A 29 -0.48 -1.41 9.95
C PHE A 29 -1.45 -1.36 8.74
N GLY A 30 -0.91 -1.35 7.53
CA GLY A 30 -1.78 -1.27 6.38
C GLY A 30 -2.17 -2.62 5.81
N TYR A 31 -1.68 -3.70 6.43
CA TYR A 31 -1.91 -5.03 5.85
C TYR A 31 -1.79 -6.18 6.85
N LEU A 32 -0.56 -6.52 7.24
CA LEU A 32 -0.31 -7.71 8.07
C LEU A 32 -1.06 -7.71 9.40
N LYS A 33 -1.19 -6.54 10.03
CA LYS A 33 -1.80 -6.48 11.35
C LYS A 33 -3.18 -7.11 11.36
N PHE A 34 -3.92 -6.94 10.28
CA PHE A 34 -5.24 -7.49 10.29
C PHE A 34 -5.41 -8.77 9.45
N VAL A 35 -4.50 -9.08 8.52
CA VAL A 35 -4.66 -10.35 7.78
C VAL A 35 -4.07 -11.54 8.54
N LEU A 36 -2.97 -11.31 9.26
CA LEU A 36 -2.30 -12.41 9.93
C LEU A 36 -3.14 -13.08 11.04
N PRO A 37 -3.80 -12.31 11.92
CA PRO A 37 -4.55 -13.02 12.95
C PRO A 37 -5.71 -13.84 12.40
N GLU A 38 -6.22 -13.46 11.24
CA GLU A 38 -7.40 -14.12 10.69
C GLU A 38 -7.13 -15.20 9.65
N LEU A 39 -5.88 -15.31 9.22
CA LEU A 39 -5.51 -16.18 8.10
C LEU A 39 -5.95 -17.64 8.30
N GLU A 40 -5.62 -18.25 9.44
CA GLU A 40 -6.01 -19.65 9.65
C GLU A 40 -7.53 -19.85 9.53
N LYS A 41 -8.29 -18.97 10.18
CA LYS A 41 -9.73 -19.00 10.11
C LYS A 41 -10.26 -18.80 8.67
N GLN A 42 -9.64 -17.90 7.90
CA GLN A 42 -10.07 -17.69 6.52
C GLN A 42 -9.86 -18.98 5.71
N ILE A 43 -8.70 -19.58 5.89
CA ILE A 43 -8.37 -20.83 5.22
C ILE A 43 -9.41 -21.91 5.55
N GLU A 44 -9.80 -21.99 6.82
CA GLU A 44 -10.73 -23.02 7.31
C GLU A 44 -12.14 -22.86 6.69
N LYS A 45 -12.41 -21.75 6.01
CA LYS A 45 -13.73 -21.57 5.39
C LYS A 45 -13.91 -22.39 4.13
N THR A 46 -12.82 -22.94 3.62
CA THR A 46 -12.86 -23.77 2.42
C THR A 46 -12.72 -25.25 2.77
N SER A 47 -13.70 -26.05 2.41
CA SER A 47 -13.73 -27.46 2.77
C SER A 47 -12.49 -28.21 2.34
N LYS A 48 -12.06 -27.98 1.11
CA LYS A 48 -10.84 -28.59 0.60
C LYS A 48 -9.64 -28.33 1.52
N PHE A 49 -9.59 -27.13 2.10
CA PHE A 49 -8.46 -26.73 2.95
C PHE A 49 -8.63 -27.32 4.35
N ARG A 50 -9.87 -27.50 4.79
CA ARG A 50 -10.13 -28.20 6.05
C ARG A 50 -9.74 -29.66 5.92
N SER A 51 -9.97 -30.23 4.74
CA SER A 51 -9.73 -31.66 4.51
C SER A 51 -8.25 -31.97 4.32
N LYS A 52 -7.50 -30.99 3.83
CA LYS A 52 -6.09 -31.18 3.45
C LYS A 52 -5.18 -31.33 4.66
N GLU A 53 -4.36 -32.37 4.65
CA GLU A 53 -3.30 -32.51 5.65
C GLU A 53 -2.03 -31.94 5.05
N LYS A 54 -1.02 -31.68 5.88
CA LYS A 54 0.22 -31.07 5.42
C LYS A 54 -0.03 -29.69 4.81
N PHE A 55 -0.99 -28.97 5.38
CA PHE A 55 -1.27 -27.60 4.97
C PHE A 55 -0.83 -26.71 6.11
N VAL A 56 0.40 -26.21 6.06
CA VAL A 56 0.86 -25.27 7.08
C VAL A 56 0.10 -23.94 6.87
N LYS A 57 -0.43 -23.37 7.94
CA LYS A 57 -1.36 -22.24 7.88
C LYS A 57 -0.72 -20.85 8.07
N LYS A 58 0.59 -20.79 8.26
CA LYS A 58 1.33 -19.55 8.40
C LYS A 58 1.45 -18.80 7.07
N MET A 59 1.53 -17.47 7.09
CA MET A 59 1.89 -16.79 5.86
C MET A 59 3.39 -16.79 5.70
N PHE A 60 3.89 -17.43 4.65
CA PHE A 60 5.30 -17.35 4.34
C PHE A 60 5.56 -16.10 3.49
N ILE A 61 6.21 -15.13 4.12
CA ILE A 61 6.53 -13.85 3.52
C ILE A 61 7.89 -13.90 2.89
N LEU A 62 7.94 -13.76 1.57
CA LEU A 62 9.16 -13.94 0.81
C LEU A 62 9.95 -12.65 0.67
N ILE A 63 11.21 -12.74 1.05
CA ILE A 63 12.10 -11.59 1.03
C ILE A 63 13.35 -11.92 0.23
N PRO A 64 13.25 -11.82 -1.10
CA PRO A 64 14.45 -12.03 -1.94
C PRO A 64 15.46 -10.92 -1.72
N SER A 65 16.73 -11.28 -1.60
CA SER A 65 17.76 -10.30 -1.25
C SER A 65 17.95 -9.21 -2.32
N ASN A 66 17.51 -9.46 -3.56
CA ASN A 66 17.66 -8.47 -4.62
C ASN A 66 16.41 -7.59 -4.77
N CYS A 67 15.46 -7.75 -3.85
CA CYS A 67 14.24 -6.95 -3.83
C CYS A 67 13.42 -7.07 -5.09
N PHE A 68 13.62 -8.15 -5.83
CA PHE A 68 13.01 -8.21 -7.15
C PHE A 68 12.28 -9.52 -7.44
N TRP A 69 11.18 -9.40 -8.20
CA TRP A 69 10.48 -10.52 -8.81
C TRP A 69 9.71 -9.98 -10.00
N ASP A 70 9.52 -10.82 -11.00
CA ASP A 70 8.91 -10.35 -12.25
C ASP A 70 7.89 -11.35 -12.78
N ASP A 71 7.63 -12.43 -12.03
CA ASP A 71 6.68 -13.43 -12.52
C ASP A 71 6.02 -14.20 -11.39
N LYS A 72 5.04 -15.02 -11.77
CA LYS A 72 4.39 -15.96 -10.87
C LYS A 72 5.45 -16.86 -10.29
N ILE A 73 5.27 -17.25 -9.04
CA ILE A 73 6.21 -18.15 -8.36
C ILE A 73 6.32 -19.51 -9.07
N PRO A 74 5.18 -20.15 -9.41
CA PRO A 74 5.35 -21.45 -10.09
C PRO A 74 6.13 -21.42 -11.40
N GLY A 75 7.16 -22.26 -11.50
CA GLY A 75 7.92 -22.37 -12.73
C GLY A 75 8.89 -21.21 -12.94
N SER A 76 8.92 -20.29 -11.99
CA SER A 76 9.81 -19.13 -12.07
C SER A 76 11.28 -19.56 -11.94
N ASP A 77 12.18 -18.59 -12.08
CA ASP A 77 13.59 -18.84 -11.89
C ASP A 77 13.88 -19.35 -10.46
N TYR A 78 12.96 -19.08 -9.54
CA TYR A 78 13.08 -19.57 -8.16
C TYR A 78 12.51 -20.97 -7.99
N ASP A 79 11.87 -21.48 -9.02
CA ASP A 79 11.34 -22.83 -9.02
C ASP A 79 11.86 -23.61 -10.23
N PRO A 80 13.18 -23.87 -10.27
CA PRO A 80 13.83 -24.48 -11.44
C PRO A 80 13.37 -25.93 -11.70
N GLN A 81 12.94 -26.64 -10.66
CA GLN A 81 12.52 -28.04 -10.83
C GLN A 81 11.00 -28.13 -11.02
N ASN A 82 10.35 -26.98 -11.08
CA ASN A 82 8.89 -26.88 -11.23
C ASN A 82 8.13 -27.69 -10.18
N ARG A 83 8.46 -27.47 -8.91
CA ARG A 83 7.82 -28.21 -7.84
C ARG A 83 6.76 -27.41 -7.10
N ILE A 84 6.57 -26.16 -7.51
CA ILE A 84 5.59 -25.28 -6.90
C ILE A 84 4.46 -25.05 -7.91
N THR A 85 3.23 -25.23 -7.45
CA THR A 85 2.03 -25.09 -8.28
C THR A 85 1.00 -24.25 -7.59
N PHE A 86 0.38 -23.33 -8.30
CA PHE A 86 -0.69 -22.53 -7.76
C PHE A 86 -1.90 -23.42 -7.57
N GLU A 87 -2.45 -23.41 -6.36
CA GLU A 87 -3.57 -24.27 -6.03
C GLU A 87 -4.89 -23.50 -6.05
N GLY A 88 -4.88 -22.28 -5.52
CA GLY A 88 -6.09 -21.49 -5.44
C GLY A 88 -5.93 -20.35 -4.45
N ASN A 89 -7.00 -19.58 -4.26
CA ASN A 89 -7.00 -18.45 -3.33
C ASN A 89 -7.78 -18.73 -2.06
N THR A 90 -7.43 -18.04 -0.98
CA THR A 90 -8.20 -18.12 0.25
C THR A 90 -9.47 -17.28 0.13
N GLU A 91 -10.44 -17.55 0.98
CA GLU A 91 -11.67 -16.77 1.07
C GLU A 91 -11.30 -15.34 1.49
N PRO A 92 -11.80 -14.33 0.75
CA PRO A 92 -11.46 -12.95 1.09
C PRO A 92 -11.91 -12.52 2.49
N LEU A 93 -11.05 -11.73 3.13
CA LEU A 93 -11.36 -11.06 4.39
C LEU A 93 -11.72 -9.64 4.08
N GLU A 94 -12.79 -9.15 4.68
CA GLU A 94 -13.13 -7.77 4.46
C GLU A 94 -12.63 -6.92 5.60
N LYS A 95 -12.19 -5.72 5.24
CA LYS A 95 -11.65 -4.81 6.24
C LYS A 95 -11.93 -3.40 5.75
N THR A 96 -12.29 -2.51 6.67
CA THR A 96 -12.50 -1.12 6.31
C THR A 96 -11.57 -0.22 7.05
N ARG A 97 -10.68 0.44 6.30
CA ARG A 97 -9.70 1.33 6.91
C ARG A 97 -10.14 2.76 6.64
N GLY A 98 -10.01 3.65 7.59
CA GLY A 98 -10.42 5.01 7.31
C GLY A 98 -11.91 5.18 7.49
N GLY A 99 -12.69 4.10 7.41
CA GLY A 99 -14.11 4.28 7.55
C GLY A 99 -14.84 4.37 6.24
N VAL A 100 -14.06 4.45 5.15
CA VAL A 100 -14.58 4.75 3.83
C VAL A 100 -14.29 3.72 2.77
N LYS A 101 -13.22 2.96 2.95
CA LYS A 101 -12.79 2.12 1.87
C LYS A 101 -12.87 0.67 2.30
N LEU A 102 -13.64 -0.09 1.54
CA LEU A 102 -13.82 -1.49 1.85
C LEU A 102 -12.77 -2.19 1.06
N ARG A 103 -12.00 -3.05 1.71
CA ARG A 103 -10.96 -3.72 0.99
C ARG A 103 -11.17 -5.21 1.19
N HIS A 104 -10.78 -6.01 0.21
CA HIS A 104 -10.86 -7.46 0.30
C HIS A 104 -9.44 -8.02 0.23
N TYR A 105 -9.04 -8.75 1.27
CA TYR A 105 -7.73 -9.37 1.27
C TYR A 105 -7.81 -10.87 1.10
N LYS A 106 -7.06 -11.41 0.15
CA LYS A 106 -6.99 -12.84 -0.05
C LYS A 106 -5.58 -13.20 -0.43
N HIS A 107 -5.28 -14.48 -0.31
CA HIS A 107 -3.92 -14.99 -0.43
C HIS A 107 -3.83 -16.19 -1.34
N SER A 108 -2.68 -16.41 -1.95
CA SER A 108 -2.53 -17.53 -2.85
C SER A 108 -2.04 -18.77 -2.10
N VAL A 109 -2.69 -19.89 -2.36
CA VAL A 109 -2.29 -21.19 -1.82
C VAL A 109 -1.49 -21.92 -2.89
N TYR A 110 -0.34 -22.48 -2.52
CA TYR A 110 0.49 -23.22 -3.46
C TYR A 110 0.70 -24.64 -3.03
N GLU A 111 0.82 -25.54 -3.99
CA GLU A 111 1.18 -26.92 -3.67
C GLU A 111 2.67 -27.08 -3.89
N ILE A 112 3.35 -27.67 -2.92
CA ILE A 112 4.78 -27.91 -3.04
C ILE A 112 5.12 -29.40 -2.94
N LYS A 113 5.66 -29.95 -4.01
CA LYS A 113 6.00 -31.39 -4.03
C LYS A 113 6.98 -31.79 -2.95
N ASP A 114 6.75 -32.98 -2.42
CA ASP A 114 7.55 -33.60 -1.38
C ASP A 114 7.90 -35.02 -1.83
N GLY A 115 8.63 -35.10 -2.94
CA GLY A 115 9.00 -36.39 -3.51
C GLY A 115 7.78 -37.21 -3.87
N GLU A 116 7.75 -38.44 -3.38
CA GLU A 116 6.65 -39.35 -3.63
C GLU A 116 5.58 -39.28 -2.54
N ASN A 117 5.85 -38.46 -1.53
CA ASN A 117 4.94 -38.24 -0.40
C ASN A 117 3.76 -37.33 -0.74
N GLU A 118 2.84 -37.18 0.20
CA GLU A 118 1.77 -36.21 0.02
C GLU A 118 2.37 -34.81 -0.10
N PRO A 119 1.95 -34.06 -1.13
CA PRO A 119 2.47 -32.71 -1.29
C PRO A 119 1.94 -31.75 -0.24
N TRP A 120 2.69 -30.69 0.01
CA TRP A 120 2.28 -29.69 0.98
C TRP A 120 1.41 -28.64 0.34
N PHE A 121 0.53 -28.03 1.14
CA PHE A 121 -0.10 -26.76 0.78
C PHE A 121 0.52 -25.70 1.69
N CYS A 122 0.67 -24.48 1.18
CA CYS A 122 1.20 -23.41 1.99
C CYS A 122 0.76 -22.09 1.38
N ILE A 123 0.88 -21.04 2.18
CA ILE A 123 0.62 -19.66 1.76
C ILE A 123 1.94 -18.96 1.55
N MET A 124 2.19 -18.46 0.35
CA MET A 124 3.41 -17.73 0.02
C MET A 124 3.08 -16.35 -0.58
N GLU A 125 3.84 -15.32 -0.23
CA GLU A 125 3.66 -13.97 -0.77
C GLU A 125 4.94 -13.18 -0.75
N TYR A 126 5.30 -12.51 -1.85
CA TYR A 126 6.41 -11.57 -1.76
C TYR A 126 6.04 -10.39 -0.88
N ALA A 127 7.01 -9.87 -0.13
CA ALA A 127 6.82 -8.66 0.65
C ALA A 127 6.82 -7.48 -0.31
N THR A 128 5.65 -6.99 -0.66
CA THR A 128 5.54 -5.98 -1.70
C THR A 128 6.28 -4.65 -1.42
N PRO A 129 6.47 -4.28 -0.14
CA PRO A 129 7.28 -3.06 0.01
C PRO A 129 8.68 -3.12 -0.56
N LEU A 130 9.23 -4.31 -0.77
CA LEU A 130 10.55 -4.42 -1.37
C LEU A 130 10.61 -3.85 -2.79
N LEU A 131 9.50 -3.85 -3.53
CA LEU A 131 9.50 -3.22 -4.86
C LEU A 131 9.87 -1.74 -4.82
N THR A 132 9.49 -1.07 -3.73
CA THR A 132 9.82 0.35 -3.61
C THR A 132 11.35 0.46 -3.47
N LEU A 133 11.97 -0.43 -2.69
CA LEU A 133 13.44 -0.44 -2.59
C LEU A 133 14.04 -0.69 -3.97
N TYR A 134 13.50 -1.68 -4.69
CA TYR A 134 13.99 -1.94 -6.02
C TYR A 134 13.80 -0.75 -6.95
N ASP A 135 12.58 -0.22 -7.01
CA ASP A 135 12.29 0.92 -7.88
C ASP A 135 13.17 2.13 -7.60
N MET A 136 13.38 2.40 -6.32
CA MET A 136 14.23 3.50 -5.87
C MET A 136 15.67 3.33 -6.37
N SER A 137 16.19 2.11 -6.25
CA SER A 137 17.58 1.84 -6.62
C SER A 137 17.81 2.02 -8.13
N VAL A 138 16.78 1.80 -8.92
CA VAL A 138 16.89 1.92 -10.39
C VAL A 138 16.56 3.33 -10.86
N ALA A 139 15.56 3.96 -10.26
CA ALA A 139 15.13 5.27 -10.74
C ALA A 139 15.90 6.39 -10.05
N GLN A 140 16.31 6.17 -8.80
CA GLN A 140 17.04 7.22 -8.09
C GLN A 140 18.31 6.65 -7.47
N PRO A 141 19.27 6.22 -8.30
CA PRO A 141 20.47 5.58 -7.75
C PRO A 141 21.23 6.50 -6.81
N GLY A 142 21.09 7.81 -7.00
CA GLY A 142 21.71 8.77 -6.12
C GLY A 142 21.11 8.73 -4.73
N GLU A 143 19.85 8.30 -4.62
CA GLU A 143 19.18 8.20 -3.34
C GLU A 143 19.41 6.84 -2.69
N LEU A 144 19.54 5.80 -3.50
CA LEU A 144 19.72 4.47 -2.96
C LEU A 144 20.64 3.67 -3.87
N SER A 145 21.90 3.53 -3.49
CA SER A 145 22.83 2.73 -4.27
C SER A 145 22.49 1.26 -4.15
N ARG A 146 23.07 0.43 -4.99
CA ARG A 146 22.83 -1.01 -4.89
C ARG A 146 23.21 -1.52 -3.50
N GLU A 147 24.33 -1.05 -2.98
CA GLU A 147 24.83 -1.53 -1.70
C GLU A 147 23.93 -1.00 -0.56
N GLU A 148 23.41 0.20 -0.72
CA GLU A 148 22.48 0.76 0.26
C GLU A 148 21.15 0.01 0.22
N ARG A 149 20.75 -0.46 -0.96
CA ARG A 149 19.53 -1.26 -1.07
C ARG A 149 19.69 -2.58 -0.31
N ASP A 150 20.84 -3.24 -0.48
CA ASP A 150 21.17 -4.49 0.22
C ASP A 150 21.02 -4.28 1.71
N ALA A 151 21.53 -3.16 2.19
CA ALA A 151 21.46 -2.85 3.61
C ALA A 151 20.04 -2.57 4.07
N GLN A 152 19.25 -1.90 3.24
CA GLN A 152 17.87 -1.59 3.64
C GLN A 152 17.01 -2.87 3.71
N VAL A 153 17.35 -3.88 2.92
CA VAL A 153 16.66 -5.17 3.04
C VAL A 153 16.86 -5.76 4.42
N VAL A 154 18.07 -5.66 4.96
CA VAL A 154 18.35 -6.18 6.28
C VAL A 154 17.62 -5.37 7.34
N VAL A 155 17.64 -4.04 7.20
CA VAL A 155 16.90 -3.17 8.12
C VAL A 155 15.42 -3.50 8.07
N PHE A 156 14.89 -3.65 6.86
CA PHE A 156 13.48 -4.01 6.69
C PHE A 156 13.17 -5.32 7.39
N LEU A 157 14.01 -6.33 7.18
CA LEU A 157 13.83 -7.63 7.81
C LEU A 157 13.79 -7.53 9.34
N ARG A 158 14.79 -6.88 9.91
CA ARG A 158 14.89 -6.79 11.36
C ARG A 158 13.78 -5.94 11.96
N LYS A 159 13.38 -4.86 11.30
CA LYS A 159 12.30 -4.07 11.86
C LYS A 159 10.96 -4.79 11.78
N LEU A 160 10.68 -5.41 10.64
CA LEU A 160 9.44 -6.18 10.50
C LEU A 160 9.42 -7.32 11.57
N GLN A 161 10.56 -7.97 11.81
CA GLN A 161 10.63 -9.00 12.86
C GLN A 161 10.24 -8.39 14.22
N ASP A 162 10.83 -7.24 14.58
CA ASP A 162 10.53 -6.56 15.85
C ASP A 162 9.06 -6.23 15.95
N ILE A 163 8.49 -5.68 14.88
CA ILE A 163 7.08 -5.30 14.88
C ILE A 163 6.19 -6.52 15.08
N LEU A 164 6.38 -7.54 14.26
CA LEU A 164 5.53 -8.72 14.32
C LEU A 164 5.69 -9.48 15.64
N GLU A 165 6.92 -9.56 16.12
CA GLU A 165 7.18 -10.26 17.39
C GLU A 165 6.60 -9.51 18.57
N GLY A 166 6.30 -8.23 18.39
CA GLY A 166 5.72 -7.44 19.46
C GLY A 166 4.21 -7.52 19.52
N ASP A 167 3.62 -8.20 18.55
CA ASP A 167 2.17 -8.35 18.46
C ASP A 167 1.79 -9.79 18.71
N ARG A 168 1.24 -10.01 19.90
CA ARG A 168 0.87 -11.34 20.35
C ARG A 168 -0.13 -12.01 19.40
N ALA A 169 -1.00 -11.21 18.79
CA ALA A 169 -1.99 -11.74 17.85
C ALA A 169 -1.35 -12.27 16.54
N CYS A 170 -0.13 -11.85 16.26
CA CYS A 170 0.56 -12.32 15.05
C CYS A 170 1.49 -13.49 15.33
N GLN A 171 1.66 -13.84 16.60
CA GLN A 171 2.57 -14.92 16.98
C GLN A 171 2.21 -16.26 16.35
N GLY A 172 3.18 -16.88 15.68
CA GLY A 172 2.95 -18.18 15.05
C GLY A 172 2.15 -18.10 13.76
N LYS A 173 1.89 -16.90 13.26
CA LYS A 173 1.03 -16.79 12.07
C LYS A 173 1.78 -16.51 10.78
N TYR A 174 3.10 -16.36 10.88
CA TYR A 174 3.91 -15.98 9.73
C TYR A 174 5.28 -16.59 9.84
N GLU A 175 6.01 -16.54 8.73
CA GLU A 175 7.43 -16.85 8.75
C GLU A 175 8.08 -16.03 7.65
N LEU A 176 9.14 -15.31 7.99
CA LEU A 176 9.88 -14.52 7.03
C LEU A 176 10.88 -15.42 6.34
N VAL A 177 10.89 -15.39 5.02
CA VAL A 177 11.75 -16.25 4.22
C VAL A 177 12.68 -15.40 3.37
N THR A 178 13.95 -15.35 3.76
CA THR A 178 14.97 -14.61 3.01
C THR A 178 15.78 -15.58 2.17
N PHE A 179 16.08 -15.19 0.93
CA PHE A 179 16.82 -16.06 0.03
C PHE A 179 17.48 -15.25 -1.06
N SER A 180 18.56 -15.80 -1.61
CA SER A 180 19.32 -15.26 -2.73
C SER A 180 18.68 -15.64 -4.04
N PRO A 181 18.87 -14.82 -5.09
CA PRO A 181 18.19 -15.12 -6.35
C PRO A 181 18.64 -16.46 -6.99
N ASP A 182 19.73 -17.01 -6.48
CA ASP A 182 20.26 -18.29 -6.92
C ASP A 182 19.64 -19.50 -6.20
N ARG A 183 18.90 -19.25 -5.13
CA ARG A 183 18.35 -20.37 -4.36
C ARG A 183 17.14 -21.01 -5.04
N ASP A 184 16.89 -22.26 -4.68
CA ASP A 184 15.71 -22.99 -5.14
C ASP A 184 14.64 -22.82 -4.07
N LEU A 185 13.64 -22.02 -4.35
CA LEU A 185 12.57 -21.72 -3.39
C LEU A 185 11.84 -22.99 -2.94
N ALA A 186 11.69 -23.95 -3.85
CA ALA A 186 11.02 -25.22 -3.51
C ALA A 186 11.78 -25.97 -2.42
N ASP A 187 13.12 -25.98 -2.49
CA ASP A 187 13.95 -26.60 -1.46
C ASP A 187 13.87 -25.84 -0.14
N VAL A 188 13.94 -24.52 -0.23
CA VAL A 188 13.84 -23.65 0.93
C VAL A 188 12.49 -23.83 1.63
N MET A 189 11.42 -23.88 0.85
CA MET A 189 10.08 -23.99 1.40
C MET A 189 9.90 -25.38 2.02
N LEU A 190 10.36 -26.41 1.35
CA LEU A 190 10.26 -27.75 1.92
C LEU A 190 10.89 -27.87 3.28
N ARG A 191 12.07 -27.29 3.47
CA ARG A 191 12.73 -27.37 4.77
C ARG A 191 11.92 -26.62 5.82
N LYS A 192 11.39 -25.46 5.44
CA LYS A 192 10.63 -24.66 6.38
C LYS A 192 9.26 -25.31 6.68
N LEU A 193 8.65 -25.98 5.71
CA LEU A 193 7.37 -26.63 5.95
C LEU A 193 7.54 -27.83 6.89
N LYS A 194 8.62 -28.58 6.69
CA LYS A 194 8.91 -29.72 7.57
C LYS A 194 9.24 -29.27 8.99
N ASP A 195 9.87 -28.10 9.12
CA ASP A 195 10.22 -27.59 10.45
C ASP A 195 9.09 -26.84 11.14
N SER A 196 7.99 -26.60 10.44
CA SER A 196 6.86 -25.92 11.04
C SER A 196 6.20 -26.81 12.08
N GLU A 197 5.54 -26.20 13.05
CA GLU A 197 4.94 -26.96 14.14
C GLU A 197 3.78 -27.80 13.60
N LYS B 17 16.06 9.45 12.02
CA LYS B 17 15.29 8.23 11.81
C LYS B 17 13.78 8.57 11.78
N ASN B 18 13.31 8.82 10.57
CA ASN B 18 11.93 9.22 10.32
C ASN B 18 11.11 8.16 9.63
N VAL B 19 10.08 7.65 10.31
CA VAL B 19 9.21 6.66 9.68
C VAL B 19 8.51 7.28 8.46
N ALA B 20 8.31 8.61 8.46
CA ALA B 20 7.60 9.27 7.36
C ALA B 20 8.32 9.12 6.03
N ASP B 21 9.65 9.05 6.05
CA ASP B 21 10.42 8.93 4.78
C ASP B 21 10.02 7.72 3.98
N GLY B 22 9.98 6.56 4.62
CA GLY B 22 9.56 5.34 3.94
C GLY B 22 8.12 5.44 3.47
N LEU B 23 7.27 6.08 4.27
CA LEU B 23 5.87 6.25 3.91
C LEU B 23 5.76 7.09 2.63
N ALA B 24 6.58 8.12 2.53
CA ALA B 24 6.52 8.99 1.33
C ALA B 24 7.07 8.28 0.08
N TRP B 25 8.20 7.58 0.19
CA TRP B 25 8.78 6.91 -0.97
C TRP B 25 7.86 5.81 -1.52
N SER B 26 7.20 5.14 -0.60
CA SER B 26 6.30 4.07 -0.96
C SER B 26 4.97 4.57 -1.56
N TYR B 27 4.50 5.69 -1.05
CA TYR B 27 3.33 6.38 -1.57
C TYR B 27 3.58 6.77 -3.03
N TYR B 28 4.80 7.17 -3.29
CA TYR B 28 5.20 7.56 -4.63
C TYR B 28 5.39 6.34 -5.54
N PHE B 29 6.36 5.49 -5.22
CA PHE B 29 6.67 4.38 -6.10
C PHE B 29 5.55 3.33 -6.18
N GLY B 30 4.73 3.20 -5.13
CA GLY B 30 3.69 2.20 -5.15
C GLY B 30 2.36 2.75 -5.65
N TYR B 31 2.33 4.04 -5.99
CA TYR B 31 1.04 4.64 -6.35
C TYR B 31 1.16 5.89 -7.23
N LEU B 32 1.55 7.02 -6.63
CA LEU B 32 1.55 8.32 -7.32
C LEU B 32 2.36 8.37 -8.60
N LYS B 33 3.50 7.69 -8.60
CA LYS B 33 4.41 7.76 -9.73
C LYS B 33 3.72 7.39 -11.02
N PHE B 34 2.81 6.43 -10.95
CA PHE B 34 2.16 6.03 -12.17
C PHE B 34 0.73 6.56 -12.31
N VAL B 35 0.06 6.97 -11.24
CA VAL B 35 -1.30 7.52 -11.46
C VAL B 35 -1.28 9.00 -11.85
N LEU B 36 -0.35 9.78 -11.31
CA LEU B 36 -0.33 11.22 -11.57
C LEU B 36 -0.07 11.60 -13.04
N PRO B 37 0.90 10.98 -13.74
CA PRO B 37 1.09 11.41 -15.13
C PRO B 37 -0.12 11.08 -16.00
N GLU B 38 -0.90 10.08 -15.62
CA GLU B 38 -2.01 9.65 -16.47
C GLU B 38 -3.38 10.22 -16.09
N LEU B 39 -3.44 10.88 -14.95
CA LEU B 39 -4.72 11.33 -14.39
C LEU B 39 -5.53 12.16 -15.40
N GLU B 40 -4.94 13.20 -15.97
CA GLU B 40 -5.70 14.02 -16.91
C GLU B 40 -6.26 13.21 -18.09
N LYS B 41 -5.43 12.36 -18.67
CA LYS B 41 -5.87 11.50 -19.76
C LYS B 41 -7.00 10.54 -19.35
N GLN B 42 -6.92 9.97 -18.15
CA GLN B 42 -7.97 9.06 -17.66
C GLN B 42 -9.29 9.80 -17.54
N ILE B 43 -9.22 11.00 -16.97
CA ILE B 43 -10.38 11.87 -16.80
C ILE B 43 -11.01 12.15 -18.16
N GLU B 44 -10.17 12.41 -19.15
CA GLU B 44 -10.62 12.79 -20.49
C GLU B 44 -11.36 11.63 -21.19
N LYS B 45 -11.30 10.43 -20.61
CA LYS B 45 -12.00 9.29 -21.23
C LYS B 45 -13.50 9.31 -21.02
N THR B 46 -13.96 10.18 -20.12
CA THR B 46 -15.38 10.31 -19.82
C THR B 46 -15.94 11.58 -20.43
N SER B 47 -16.93 11.41 -21.30
CA SER B 47 -17.49 12.54 -22.04
C SER B 47 -17.96 13.65 -21.13
N LYS B 48 -18.67 13.28 -20.08
CA LYS B 48 -19.13 14.26 -19.10
C LYS B 48 -17.98 15.14 -18.58
N PHE B 49 -16.81 14.52 -18.39
CA PHE B 49 -15.65 15.21 -17.83
C PHE B 49 -14.97 16.04 -18.91
N ARG B 50 -15.03 15.59 -20.18
CA ARG B 50 -14.53 16.39 -21.29
C ARG B 50 -15.41 17.63 -21.48
N SER B 51 -16.71 17.47 -21.23
CA SER B 51 -17.67 18.56 -21.47
C SER B 51 -17.67 19.60 -20.36
N LYS B 52 -17.27 19.17 -19.16
CA LYS B 52 -17.34 20.00 -17.96
C LYS B 52 -16.27 21.07 -17.96
N GLU B 53 -16.69 22.29 -17.70
CA GLU B 53 -15.77 23.40 -17.46
C GLU B 53 -15.57 23.53 -15.95
N LYS B 54 -14.55 24.25 -15.53
CA LYS B 54 -14.23 24.39 -14.11
C LYS B 54 -13.94 23.04 -13.45
N PHE B 55 -13.30 22.16 -14.22
CA PHE B 55 -12.86 20.87 -13.72
C PHE B 55 -11.35 20.90 -13.65
N VAL B 56 -10.80 21.24 -12.50
CA VAL B 56 -9.34 21.20 -12.34
C VAL B 56 -8.91 19.72 -12.31
N LYS B 57 -7.89 19.37 -13.08
CA LYS B 57 -7.50 17.98 -13.31
C LYS B 57 -6.37 17.47 -12.40
N LYS B 58 -5.86 18.29 -11.49
CA LYS B 58 -4.82 17.89 -10.55
C LYS B 58 -5.37 16.94 -9.49
N MET B 59 -4.56 16.04 -8.95
CA MET B 59 -5.01 15.30 -7.77
C MET B 59 -4.75 16.15 -6.54
N PHE B 60 -5.81 16.53 -5.84
CA PHE B 60 -5.66 17.20 -4.56
C PHE B 60 -5.51 16.16 -3.47
N ILE B 61 -4.30 16.08 -2.93
CA ILE B 61 -3.93 15.13 -1.90
C ILE B 61 -4.13 15.74 -0.52
N LEU B 62 -5.06 15.19 0.25
CA LEU B 62 -5.46 15.78 1.51
C LEU B 62 -4.60 15.26 2.65
N ILE B 63 -4.04 16.20 3.40
CA ILE B 63 -3.15 15.86 4.49
C ILE B 63 -3.65 16.53 5.76
N PRO B 64 -4.65 15.91 6.42
CA PRO B 64 -5.11 16.47 7.69
C PRO B 64 -4.02 16.35 8.75
N SER B 65 -3.80 17.42 9.50
CA SER B 65 -2.72 17.46 10.46
C SER B 65 -2.86 16.42 11.58
N ASN B 66 -4.07 15.90 11.80
CA ASN B 66 -4.26 14.90 12.87
C ASN B 66 -4.17 13.48 12.31
N CYS B 67 -3.79 13.36 11.04
CA CYS B 67 -3.59 12.06 10.38
C CYS B 67 -4.84 11.21 10.37
N PHE B 68 -6.00 11.82 10.51
CA PHE B 68 -7.19 11.02 10.71
C PHE B 68 -8.37 11.38 9.84
N TRP B 69 -9.12 10.35 9.45
CA TRP B 69 -10.42 10.50 8.83
C TRP B 69 -11.19 9.21 9.08
N ASP B 70 -12.51 9.33 9.15
CA ASP B 70 -13.36 8.20 9.54
C ASP B 70 -14.61 8.14 8.67
N ASP B 71 -14.72 9.02 7.68
CA ASP B 71 -15.91 9.03 6.83
C ASP B 71 -15.66 9.59 5.43
N LYS B 72 -16.70 9.47 4.60
CA LYS B 72 -16.75 10.07 3.28
C LYS B 72 -16.56 11.56 3.43
N ILE B 73 -15.90 12.18 2.47
CA ILE B 73 -15.69 13.62 2.51
C ILE B 73 -17.02 14.42 2.48
N PRO B 74 -17.96 14.09 1.56
CA PRO B 74 -19.20 14.88 1.58
C PRO B 74 -19.99 14.83 2.89
N GLY B 75 -20.29 16.01 3.43
CA GLY B 75 -21.10 16.08 4.64
C GLY B 75 -20.34 15.73 5.90
N SER B 76 -19.04 15.45 5.76
CA SER B 76 -18.21 15.10 6.91
C SER B 76 -18.01 16.31 7.81
N ASP B 77 -17.33 16.10 8.93
CA ASP B 77 -16.99 17.19 9.84
C ASP B 77 -16.14 18.25 9.09
N TYR B 78 -15.49 17.84 8.00
CA TYR B 78 -14.71 18.77 7.17
C TYR B 78 -15.55 19.49 6.13
N ASP B 79 -16.81 19.10 6.02
CA ASP B 79 -17.73 19.75 5.11
C ASP B 79 -19.00 20.19 5.85
N PRO B 80 -18.86 21.14 6.78
CA PRO B 80 -19.97 21.55 7.66
C PRO B 80 -21.13 22.22 6.92
N GLN B 81 -20.85 22.87 5.79
CA GLN B 81 -21.89 23.57 5.03
C GLN B 81 -22.46 22.68 3.93
N ASN B 82 -21.99 21.42 3.88
CA ASN B 82 -22.40 20.45 2.87
C ASN B 82 -22.24 20.98 1.45
N ARG B 83 -21.05 21.48 1.14
CA ARG B 83 -20.84 22.04 -0.19
C ARG B 83 -20.06 21.09 -1.09
N ILE B 84 -19.68 19.92 -0.57
CA ILE B 84 -18.94 18.93 -1.35
C ILE B 84 -19.85 17.73 -1.63
N THR B 85 -19.88 17.30 -2.88
CA THR B 85 -20.73 16.20 -3.30
C THR B 85 -19.96 15.23 -4.16
N PHE B 86 -20.11 13.94 -3.89
CA PHE B 86 -19.49 12.94 -4.72
C PHE B 86 -20.18 12.91 -6.06
N GLU B 87 -19.40 13.02 -7.12
CA GLU B 87 -19.91 13.07 -8.48
C GLU B 87 -19.76 11.72 -9.18
N GLY B 88 -18.62 11.06 -9.00
CA GLY B 88 -18.39 9.81 -9.69
C GLY B 88 -16.91 9.45 -9.70
N ASN B 89 -16.58 8.34 -10.35
CA ASN B 89 -15.21 7.88 -10.43
C ASN B 89 -14.59 8.07 -11.81
N THR B 90 -13.27 8.20 -11.84
CA THR B 90 -12.55 8.24 -13.09
C THR B 90 -12.46 6.83 -13.67
N GLU B 91 -12.17 6.76 -14.95
CA GLU B 91 -11.94 5.51 -15.67
C GLU B 91 -10.70 4.84 -15.10
N PRO B 92 -10.80 3.55 -14.74
CA PRO B 92 -9.63 2.88 -14.16
C PRO B 92 -8.40 2.83 -15.06
N LEU B 93 -7.25 3.00 -14.44
CA LEU B 93 -5.96 2.81 -15.06
C LEU B 93 -5.45 1.46 -14.65
N GLU B 94 -4.95 0.69 -15.61
CA GLU B 94 -4.37 -0.58 -15.25
C GLU B 94 -2.87 -0.51 -15.15
N LYS B 95 -2.32 -1.24 -14.18
CA LYS B 95 -0.89 -1.21 -13.96
C LYS B 95 -0.50 -2.58 -13.40
N THR B 96 0.66 -3.09 -13.83
CA THR B 96 1.13 -4.35 -13.29
C THR B 96 2.46 -4.17 -12.62
N ARG B 97 2.48 -4.40 -11.32
CA ARG B 97 3.71 -4.23 -10.55
C ARG B 97 4.25 -5.61 -10.23
N GLY B 98 5.55 -5.83 -10.32
CA GLY B 98 6.03 -7.14 -9.98
C GLY B 98 5.89 -8.11 -11.13
N GLY B 99 5.01 -7.83 -12.07
CA GLY B 99 4.83 -8.76 -13.18
C GLY B 99 3.68 -9.71 -12.99
N VAL B 100 3.08 -9.70 -11.80
CA VAL B 100 2.10 -10.72 -11.45
C VAL B 100 0.75 -10.17 -11.04
N LYS B 101 0.71 -8.95 -10.55
CA LYS B 101 -0.54 -8.49 -9.98
C LYS B 101 -1.01 -7.30 -10.77
N LEU B 102 -2.21 -7.46 -11.30
CA LEU B 102 -2.83 -6.44 -12.12
C LEU B 102 -3.62 -5.63 -11.14
N ARG B 103 -3.44 -4.32 -11.19
CA ARG B 103 -4.14 -3.47 -10.24
C ARG B 103 -4.89 -2.46 -11.09
N HIS B 104 -6.03 -2.01 -10.57
CA HIS B 104 -6.83 -0.99 -11.23
C HIS B 104 -6.88 0.23 -10.32
N TYR B 105 -6.41 1.36 -10.81
CA TYR B 105 -6.46 2.59 -10.02
C TYR B 105 -7.50 3.55 -10.56
N LYS B 106 -8.38 4.03 -9.68
CA LYS B 106 -9.38 5.03 -10.06
C LYS B 106 -9.55 6.01 -8.93
N HIS B 107 -10.16 7.14 -9.24
CA HIS B 107 -10.22 8.27 -8.32
C HIS B 107 -11.62 8.84 -8.21
N SER B 108 -11.90 9.46 -7.08
CA SER B 108 -13.21 10.01 -6.87
C SER B 108 -13.26 11.47 -7.37
N VAL B 109 -14.30 11.78 -8.13
CA VAL B 109 -14.55 13.15 -8.58
C VAL B 109 -15.60 13.77 -7.66
N TYR B 110 -15.35 14.99 -7.19
CA TYR B 110 -16.30 15.67 -6.32
C TYR B 110 -16.76 16.97 -6.93
N GLU B 111 -18.00 17.34 -6.64
CA GLU B 111 -18.49 18.64 -7.03
C GLU B 111 -18.37 19.57 -5.84
N ILE B 112 -17.83 20.74 -6.06
CA ILE B 112 -17.72 21.71 -4.99
C ILE B 112 -18.45 23.01 -5.31
N LYS B 113 -19.47 23.33 -4.53
CA LYS B 113 -20.26 24.54 -4.79
C LYS B 113 -19.45 25.82 -4.75
N ASP B 114 -19.82 26.73 -5.64
CA ASP B 114 -19.20 28.04 -5.78
C ASP B 114 -20.29 29.11 -5.78
N GLY B 115 -21.02 29.18 -4.68
CA GLY B 115 -22.12 30.13 -4.56
C GLY B 115 -23.15 29.87 -5.62
N GLU B 116 -23.51 30.92 -6.35
CA GLU B 116 -24.50 30.83 -7.42
C GLU B 116 -23.87 30.54 -8.78
N ASN B 117 -22.55 30.49 -8.79
CA ASN B 117 -21.77 30.23 -9.99
C ASN B 117 -21.78 28.76 -10.38
N GLU B 118 -21.19 28.43 -11.52
CA GLU B 118 -21.01 27.03 -11.89
C GLU B 118 -20.14 26.31 -10.86
N PRO B 119 -20.62 25.16 -10.37
CA PRO B 119 -19.80 24.44 -9.40
C PRO B 119 -18.56 23.83 -10.03
N TRP B 120 -17.54 23.59 -9.19
CA TRP B 120 -16.32 22.99 -9.65
C TRP B 120 -16.39 21.48 -9.60
N PHE B 121 -15.63 20.81 -10.46
CA PHE B 121 -15.32 19.38 -10.28
C PHE B 121 -13.86 19.30 -9.89
N CYS B 122 -13.49 18.34 -9.05
CA CYS B 122 -12.09 18.19 -8.70
C CYS B 122 -11.87 16.77 -8.23
N ILE B 123 -10.59 16.39 -8.19
CA ILE B 123 -10.15 15.11 -7.64
C ILE B 123 -9.55 15.31 -6.27
N MET B 124 -10.11 14.65 -5.26
CA MET B 124 -9.65 14.73 -3.88
C MET B 124 -9.38 13.33 -3.33
N GLU B 125 -8.32 13.18 -2.55
CA GLU B 125 -7.95 11.90 -1.90
C GLU B 125 -7.16 12.12 -0.64
N TYR B 126 -7.51 11.45 0.45
CA TYR B 126 -6.64 11.46 1.61
C TYR B 126 -5.35 10.72 1.30
N ALA B 127 -4.22 11.20 1.86
CA ALA B 127 -2.94 10.50 1.76
C ALA B 127 -2.99 9.30 2.68
N THR B 128 -3.25 8.14 2.12
CA THR B 128 -3.50 6.96 2.92
C THR B 128 -2.33 6.53 3.86
N PRO B 129 -1.07 6.82 3.50
CA PRO B 129 -0.03 6.49 4.49
C PRO B 129 -0.17 7.18 5.84
N LEU B 130 -0.89 8.30 5.92
CA LEU B 130 -1.07 8.94 7.21
C LEU B 130 -1.83 8.06 8.20
N LEU B 131 -2.67 7.13 7.73
CA LEU B 131 -3.32 6.19 8.66
C LEU B 131 -2.32 5.36 9.46
N THR B 132 -1.18 5.04 8.86
CA THR B 132 -0.17 4.29 9.57
C THR B 132 0.37 5.13 10.71
N LEU B 133 0.59 6.42 10.45
CA LEU B 133 1.02 7.35 11.51
C LEU B 133 -0.03 7.40 12.61
N TYR B 134 -1.30 7.52 12.22
CA TYR B 134 -2.37 7.51 13.19
C TYR B 134 -2.40 6.20 13.96
N ASP B 135 -2.42 5.07 13.25
CA ASP B 135 -2.48 3.75 13.90
C ASP B 135 -1.33 3.51 14.87
N MET B 136 -0.14 3.92 14.46
CA MET B 136 1.06 3.79 15.29
C MET B 136 0.93 4.58 16.58
N SER B 137 0.43 5.80 16.47
CA SER B 137 0.32 6.68 17.64
C SER B 137 -0.68 6.14 18.67
N VAL B 138 -1.68 5.38 18.21
CA VAL B 138 -2.70 4.83 19.11
C VAL B 138 -2.32 3.45 19.63
N ALA B 139 -1.74 2.63 18.78
CA ALA B 139 -1.45 1.25 19.17
C ALA B 139 -0.08 1.15 19.81
N GLN B 140 0.86 2.01 19.40
CA GLN B 140 2.21 1.95 19.96
C GLN B 140 2.66 3.34 20.39
N PRO B 141 2.00 3.92 21.41
CA PRO B 141 2.34 5.29 21.81
C PRO B 141 3.79 5.43 22.25
N GLY B 142 4.39 4.33 22.71
CA GLY B 142 5.79 4.34 23.11
C GLY B 142 6.68 4.55 21.89
N GLU B 143 6.20 4.15 20.71
CA GLU B 143 6.94 4.31 19.47
C GLU B 143 6.69 5.65 18.82
N LEU B 144 5.49 6.17 18.96
CA LEU B 144 5.15 7.42 18.32
C LEU B 144 4.20 8.20 19.22
N SER B 145 4.72 9.19 19.93
CA SER B 145 3.88 10.03 20.77
C SER B 145 3.04 10.93 19.89
N ARG B 146 2.04 11.56 20.47
CA ARG B 146 1.22 12.50 19.71
C ARG B 146 2.09 13.59 19.09
N GLU B 147 3.05 14.10 19.86
CA GLU B 147 3.88 15.19 19.39
C GLU B 147 4.84 14.71 18.29
N GLU B 148 5.30 13.49 18.42
CA GLU B 148 6.15 12.90 17.39
C GLU B 148 5.33 12.65 16.12
N ARG B 149 4.05 12.30 16.28
CA ARG B 149 3.20 12.12 15.10
C ARG B 149 3.02 13.42 14.32
N ASP B 150 2.76 14.52 15.04
CA ASP B 150 2.62 15.87 14.46
C ASP B 150 3.85 16.19 13.64
N ALA B 151 5.01 15.87 14.19
CA ALA B 151 6.27 16.12 13.52
C ALA B 151 6.46 15.23 12.29
N GLN B 152 6.02 13.97 12.37
CA GLN B 152 6.20 13.07 11.23
C GLN B 152 5.30 13.49 10.06
N VAL B 153 4.16 14.12 10.35
CA VAL B 153 3.32 14.68 9.28
C VAL B 153 4.08 15.72 8.47
N VAL B 154 4.84 16.57 9.16
CA VAL B 154 5.63 17.60 8.49
C VAL B 154 6.75 16.98 7.67
N VAL B 155 7.42 15.99 8.27
CA VAL B 155 8.46 15.27 7.55
C VAL B 155 7.86 14.62 6.31
N PHE B 156 6.71 13.97 6.49
CA PHE B 156 6.02 13.33 5.36
C PHE B 156 5.72 14.35 4.27
N LEU B 157 5.17 15.49 4.68
CA LEU B 157 4.83 16.53 3.72
C LEU B 157 6.04 17.01 2.91
N ARG B 158 7.12 17.36 3.60
CA ARG B 158 8.30 17.88 2.94
C ARG B 158 8.99 16.83 2.07
N LYS B 159 9.02 15.59 2.53
CA LYS B 159 9.64 14.58 1.69
C LYS B 159 8.83 14.26 0.44
N LEU B 160 7.51 14.16 0.60
CA LEU B 160 6.66 13.90 -0.56
C LEU B 160 6.81 15.08 -1.55
N GLN B 161 6.89 16.31 -1.05
CA GLN B 161 7.12 17.48 -1.92
C GLN B 161 8.42 17.31 -2.74
N ASP B 162 9.50 16.97 -2.06
CA ASP B 162 10.81 16.77 -2.71
C ASP B 162 10.73 15.70 -3.76
N ILE B 163 10.10 14.58 -3.43
CA ILE B 163 9.98 13.47 -4.36
C ILE B 163 9.21 13.89 -5.60
N LEU B 164 8.01 14.43 -5.40
CA LEU B 164 7.16 14.79 -6.53
C LEU B 164 7.77 15.90 -7.38
N GLU B 165 8.41 16.87 -6.73
CA GLU B 165 9.04 17.99 -7.44
C GLU B 165 10.25 17.52 -8.24
N GLY B 166 10.78 16.35 -7.90
CA GLY B 166 11.93 15.82 -8.62
C GLY B 166 11.53 14.99 -9.83
N ASP B 167 10.23 14.81 -10.00
CA ASP B 167 9.71 14.03 -11.11
C ASP B 167 8.96 14.93 -12.08
N ARG B 168 9.61 15.20 -13.22
CA ARG B 168 9.06 16.09 -14.22
C ARG B 168 7.70 15.62 -14.72
N ALA B 169 7.49 14.31 -14.78
CA ALA B 169 6.20 13.78 -15.25
C ALA B 169 5.06 14.07 -14.26
N CYS B 170 5.41 14.41 -13.02
CA CYS B 170 4.37 14.70 -12.02
C CYS B 170 4.12 16.21 -11.89
N GLN B 171 4.94 17.01 -12.56
CA GLN B 171 4.80 18.47 -12.45
C GLN B 171 3.42 18.96 -12.88
N GLY B 172 2.78 19.74 -12.01
CA GLY B 172 1.47 20.30 -12.32
C GLY B 172 0.32 19.30 -12.23
N LYS B 173 0.59 18.09 -11.72
CA LYS B 173 -0.47 17.07 -11.72
C LYS B 173 -1.11 16.85 -10.36
N TYR B 174 -0.63 17.56 -9.35
CA TYR B 174 -1.08 17.34 -7.98
C TYR B 174 -1.02 18.64 -7.20
N GLU B 175 -1.64 18.63 -6.05
CA GLU B 175 -1.48 19.71 -5.09
C GLU B 175 -1.65 19.10 -3.71
N LEU B 176 -0.70 19.34 -2.82
CA LEU B 176 -0.80 18.84 -1.46
C LEU B 176 -1.62 19.82 -0.64
N VAL B 177 -2.61 19.31 0.09
CA VAL B 177 -3.50 20.16 0.87
C VAL B 177 -3.42 19.80 2.35
N THR B 178 -2.77 20.66 3.14
CA THR B 178 -2.68 20.43 4.57
C THR B 178 -3.70 21.30 5.28
N PHE B 179 -4.35 20.76 6.29
CA PHE B 179 -5.38 21.50 7.01
C PHE B 179 -5.60 20.91 8.39
N SER B 180 -6.08 21.75 9.30
CA SER B 180 -6.46 21.40 10.67
C SER B 180 -7.86 20.84 10.73
N PRO B 181 -8.14 19.97 11.72
CA PRO B 181 -9.46 19.33 11.78
C PRO B 181 -10.60 20.34 11.97
N ASP B 182 -10.26 21.56 12.35
CA ASP B 182 -11.21 22.65 12.52
C ASP B 182 -11.51 23.40 11.22
N ARG B 183 -10.71 23.16 10.18
CA ARG B 183 -10.92 23.90 8.93
C ARG B 183 -12.11 23.39 8.13
N ASP B 184 -12.64 24.25 7.28
CA ASP B 184 -13.71 23.89 6.36
C ASP B 184 -13.06 23.53 5.03
N LEU B 185 -13.04 22.25 4.70
CA LEU B 185 -12.39 21.78 3.48
C LEU B 185 -12.99 22.43 2.23
N ALA B 186 -14.30 22.69 2.24
CA ALA B 186 -14.96 23.34 1.09
C ALA B 186 -14.38 24.73 0.83
N ASP B 187 -14.12 25.48 1.89
CA ASP B 187 -13.50 26.81 1.77
C ASP B 187 -12.06 26.68 1.29
N VAL B 188 -11.34 25.73 1.86
CA VAL B 188 -9.95 25.48 1.48
C VAL B 188 -9.86 25.10 0.01
N MET B 189 -10.75 24.22 -0.42
CA MET B 189 -10.75 23.72 -1.79
C MET B 189 -11.16 24.83 -2.76
N LEU B 190 -12.18 25.63 -2.42
CA LEU B 190 -12.55 26.72 -3.31
C LEU B 190 -11.39 27.66 -3.61
N ARG B 191 -10.60 28.01 -2.60
CA ARG B 191 -9.47 28.91 -2.84
C ARG B 191 -8.43 28.23 -3.72
N LYS B 192 -8.18 26.94 -3.46
CA LYS B 192 -7.17 26.26 -4.25
C LYS B 192 -7.66 26.01 -5.69
N LEU B 193 -8.96 25.78 -5.87
CA LEU B 193 -9.47 25.58 -7.23
C LEU B 193 -9.40 26.90 -8.01
N LYS B 194 -9.74 28.01 -7.35
CA LYS B 194 -9.68 29.31 -8.01
C LYS B 194 -8.24 29.71 -8.35
N ASP B 195 -7.27 29.30 -7.53
CA ASP B 195 -5.87 29.65 -7.78
C ASP B 195 -5.16 28.70 -8.74
N SER B 196 -5.82 27.60 -9.10
CA SER B 196 -5.23 26.64 -10.03
C SER B 196 -5.15 27.23 -11.44
N GLU B 197 -4.22 26.72 -12.25
CA GLU B 197 -4.04 27.28 -13.58
C GLU B 197 -5.27 26.98 -14.43
P1 C2E C . -0.82 1.27 2.47
O2P C2E C . -0.85 1.69 3.90
O1P C2E C . -2.24 1.17 1.95
O5' C2E C . -0.20 -0.22 2.27
C5' C2E C . 1.21 -0.24 2.52
C4' C2E C . 1.74 -1.54 2.00
O4' C2E C . 0.86 -2.67 2.67
C3' C2E C . 1.51 -1.69 0.74
O3' C2E C . 2.60 -1.17 -0.02
C2' C2E C . 1.47 -3.35 0.56
O2' C2E C . 2.82 -3.77 0.62
C1' C2E C . 0.78 -3.78 1.59
N9 C2E C . -0.57 -3.93 1.21
C8 C2E C . -1.61 -3.12 1.39
N7 C2E C . -2.69 -3.70 0.85
C5 C2E C . -2.33 -4.90 0.30
C6 C2E C . -3.04 -5.99 -0.44
O6 C2E C . -4.22 -5.93 -0.69
N1 C2E C . -2.33 -7.10 -0.84
C2 C2E C . -0.92 -7.23 -0.59
N2 C2E C . -0.20 -8.38 -1.01
N3 C2E C . -0.24 -6.19 0.11
C4 C2E C . -0.99 -5.03 0.53
P11 C2E C . 2.31 -0.55 -1.48
O21 C2E C . 1.64 -1.54 -2.39
O11 C2E C . 3.68 -0.23 -2.00
O5A C2E C . 1.53 0.86 -1.49
C5A C2E C . 2.01 1.86 -0.56
C4A C2E C . 1.02 2.97 -0.56
O4A C2E C . 0.68 3.27 -1.77
C3A C2E C . -0.36 2.44 0.12
O3A C2E C . -0.12 2.39 1.56
C2A C2E C . -1.19 3.36 -0.20
O2A C2E C . -0.96 4.51 0.71
C1A C2E C . -0.78 3.72 -1.67
N91 C2E C . -1.50 3.03 -2.46
C81 C2E C . -1.19 1.88 -3.06
N71 C2E C . -2.24 1.47 -3.78
C51 C2E C . -3.25 2.39 -3.64
C61 C2E C . -4.63 2.50 -4.18
O61 C2E C . -5.07 1.66 -4.92
N11 C2E C . -5.43 3.60 -3.82
C21 C2E C . -4.91 4.61 -2.96
N21 C2E C . -5.72 5.70 -2.61
N31 C2E C . -3.58 4.51 -2.42
C41 C2E C . -2.77 3.38 -2.79
P1 C2E D . -7.54 -3.51 -7.83
O2P C2E D . -6.33 -2.61 -7.89
O1P C2E D . -7.80 -4.00 -9.22
O5' C2E D . -7.34 -4.87 -6.95
C5' C2E D . -8.48 -5.71 -6.74
C4' C2E D . -8.17 -6.62 -5.57
O4' C2E D . -6.65 -7.09 -5.65
C3' C2E D . -8.23 -5.97 -4.46
O3' C2E D . -9.55 -5.99 -3.91
C2' C2E D . -7.14 -6.73 -3.42
O2' C2E D . -7.75 -7.87 -2.81
C1' C2E D . -6.13 -7.11 -4.17
N9 C2E D . -4.99 -6.26 -3.97
C8 C2E D . -4.97 -4.95 -3.74
N7 C2E D . -3.71 -4.54 -3.58
C5 C2E D . -2.89 -5.63 -3.70
C6 C2E D . -1.39 -5.84 -3.61
O6 C2E D . -0.63 -4.90 -3.39
N1 C2E D . -0.87 -7.13 -3.78
C2 C2E D . -1.74 -8.26 -4.04
N2 C2E D . -1.23 -9.55 -4.21
N3 C2E D . -3.19 -8.05 -4.12
C4 C2E D . -3.72 -6.73 -3.94
P11 C2E D . -9.96 -4.79 -2.93
O21 C2E D . -9.16 -4.81 -1.65
O11 C2E D . -11.41 -4.99 -2.55
O5A C2E D . -9.91 -3.34 -3.68
C5A C2E D . -10.68 -3.12 -4.89
C4A C2E D . -10.28 -1.80 -5.46
O4A C2E D . -10.15 -0.90 -4.54
C3A C2E D . -8.78 -1.93 -6.13
O3A C2E D . -8.84 -2.64 -7.41
C2A C2E D . -8.36 -0.71 -6.22
O2A C2E D . -8.87 -0.06 -7.49
C1A C2E D . -8.97 0.02 -4.97
N91 C2E D . -8.10 0.20 -4.01
C81 C2E D . -7.09 -0.60 -3.69
N71 C2E D . -6.40 -0.12 -2.66
C51 C2E D . -6.99 1.06 -2.30
C61 C2E D . -6.65 2.06 -1.22
O61 C2E D . -5.70 1.87 -0.49
N11 C2E D . -7.46 3.21 -1.07
C21 C2E D . -8.59 3.42 -1.96
N21 C2E D . -9.37 4.56 -1.81
N31 C2E D . -8.89 2.45 -3.00
C41 C2E D . -8.07 1.27 -3.15
#